data_7CW1
#
_entry.id   7CW1
#
_cell.length_a   44.065
_cell.length_b   61.587
_cell.length_c   110.387
_cell.angle_alpha   90.000
_cell.angle_beta   90.000
_cell.angle_gamma   90.000
#
_symmetry.space_group_name_H-M   'P 21 21 21'
#
loop_
_entity.id
_entity.type
_entity.pdbx_description
1 polymer 'Cutinase-like enzyme'
2 non-polymer 'CACODYLIC ACID'
3 non-polymer 'SODIUM ION'
4 water water
#
_entity_poly.entity_id   1
_entity_poly.type   'polypeptide(L)'
_entity_poly.pdbx_seq_one_letter_code
;AGCSSYVIINTRGTSEPQGPSVGFRTMNTRIRSAVSGGSEYDTVYPAGIDQNSAQGTANIVAQVKAGLARNPNTCFLLEG
YSQGAAATCNALPQLTGAAFDAVKGVILIGNPEHKPNLACNVDGNGGKTTFSARGISAAFTQGVPSNWVSKTLDICIYGD
GVCDVSSGFGITPQHLTYGYNTNVQTMGANFGIKALQG
;
_entity_poly.pdbx_strand_id   A,B
#
loop_
_chem_comp.id
_chem_comp.type
_chem_comp.name
_chem_comp.formula
CAD non-polymer 'CACODYLIC ACID' 'C2 H7 As O2'
NA non-polymer 'SODIUM ION' 'Na 1'
#
# COMPACT_ATOMS: atom_id res chain seq x y z
N GLY A 2 21.50 -17.00 -1.42
CA GLY A 2 20.03 -16.68 -1.45
C GLY A 2 19.42 -16.76 -0.07
N CYS A 3 18.67 -15.72 0.32
CA CYS A 3 18.02 -15.56 1.65
C CYS A 3 16.73 -16.36 1.66
N SER A 4 16.56 -17.27 2.62
CA SER A 4 15.39 -18.17 2.75
C SER A 4 14.37 -17.52 3.67
N SER A 5 14.84 -16.59 4.49
CA SER A 5 14.08 -15.93 5.57
C SER A 5 14.54 -14.49 5.62
N TYR A 6 13.62 -13.54 5.52
CA TYR A 6 14.00 -12.12 5.57
C TYR A 6 12.89 -11.30 6.16
N VAL A 7 13.30 -10.11 6.59
CA VAL A 7 12.36 -9.09 7.09
C VAL A 7 12.58 -7.81 6.31
N ILE A 8 11.51 -7.25 5.79
CA ILE A 8 11.50 -5.89 5.21
C ILE A 8 11.18 -4.94 6.34
N ILE A 9 12.16 -4.15 6.74
CA ILE A 9 11.94 -3.11 7.79
C ILE A 9 11.59 -1.82 7.07
N ASN A 10 10.40 -1.30 7.36
CA ASN A 10 9.74 -0.23 6.58
C ASN A 10 9.54 0.96 7.52
N THR A 11 10.19 2.06 7.24
CA THR A 11 10.14 3.22 8.14
C THR A 11 9.52 4.37 7.37
N ARG A 12 8.33 4.76 7.82
CA ARG A 12 7.49 5.74 7.09
C ARG A 12 7.89 7.18 7.40
N GLY A 13 7.18 8.06 6.72
CA GLY A 13 7.45 9.48 6.78
C GLY A 13 6.31 10.25 7.38
N THR A 14 6.59 11.56 7.41
CA THR A 14 5.66 12.72 7.42
C THR A 14 4.56 12.39 8.42
N SER A 15 3.33 12.45 7.94
CA SER A 15 2.16 12.21 8.77
C SER A 15 1.50 10.93 8.26
N GLU A 16 2.30 10.03 7.70
CA GLU A 16 1.75 8.72 7.32
C GLU A 16 1.30 8.01 8.59
N PRO A 17 0.13 7.35 8.57
CA PRO A 17 -0.29 6.61 9.74
C PRO A 17 0.59 5.38 10.03
N GLN A 18 0.55 4.93 11.28
CA GLN A 18 1.43 3.86 11.81
C GLN A 18 1.05 2.53 11.16
N GLY A 19 1.87 2.07 10.22
CA GLY A 19 1.54 1.01 9.27
C GLY A 19 2.50 1.13 8.09
N PRO A 20 2.34 0.30 7.05
CA PRO A 20 3.22 0.33 5.89
C PRO A 20 3.21 1.71 5.21
N SER A 21 4.36 2.25 4.79
CA SER A 21 4.44 3.57 4.13
C SER A 21 3.77 3.44 2.75
N VAL A 22 3.10 4.46 2.27
CA VAL A 22 2.61 4.51 0.86
C VAL A 22 3.78 4.33 -0.12
N GLY A 23 4.99 4.66 0.30
CA GLY A 23 6.11 4.83 -0.65
C GLY A 23 6.63 3.54 -1.20
N PHE A 24 6.39 2.41 -0.54
CA PHE A 24 7.02 1.14 -0.93
C PHE A 24 5.98 0.07 -1.22
N ARG A 25 4.71 0.42 -1.26
CA ARG A 25 3.69 -0.67 -1.23
C ARG A 25 3.88 -1.56 -2.44
N THR A 26 3.99 -0.98 -3.63
CA THR A 26 4.02 -1.79 -4.86
C THR A 26 5.31 -2.63 -4.90
N MET A 27 6.45 -2.00 -4.70
CA MET A 27 7.71 -2.75 -4.84
C MET A 27 7.69 -3.89 -3.84
N ASN A 28 7.10 -3.70 -2.65
CA ASN A 28 7.13 -4.79 -1.64
C ASN A 28 6.28 -5.96 -2.14
N THR A 29 5.13 -5.71 -2.80
CA THR A 29 4.30 -6.84 -3.30
C THR A 29 5.17 -7.67 -4.25
N ARG A 30 6.00 -7.01 -5.07
CA ARG A 30 6.82 -7.70 -6.09
C ARG A 30 7.94 -8.47 -5.39
N ILE A 31 8.59 -7.83 -4.41
CA ILE A 31 9.68 -8.51 -3.64
C ILE A 31 9.08 -9.74 -2.98
N ARG A 32 7.97 -9.60 -2.26
CA ARG A 32 7.41 -10.72 -1.47
C ARG A 32 6.94 -11.83 -2.43
N SER A 33 6.51 -11.45 -3.63
CA SER A 33 6.01 -12.44 -4.64
C SER A 33 7.18 -13.22 -5.23
N ALA A 34 8.32 -12.58 -5.43
CA ALA A 34 9.48 -13.20 -6.11
C ALA A 34 10.34 -13.98 -5.11
N VAL A 35 10.31 -13.64 -3.82
CA VAL A 35 11.29 -14.18 -2.82
C VAL A 35 10.49 -14.63 -1.61
N SER A 36 10.43 -15.95 -1.43
CA SER A 36 9.65 -16.59 -0.37
C SER A 36 10.38 -16.35 0.95
N GLY A 37 9.66 -16.48 2.07
CA GLY A 37 10.27 -16.40 3.41
C GLY A 37 10.25 -15.01 4.02
N GLY A 38 9.53 -14.07 3.41
CA GLY A 38 9.52 -12.66 3.82
C GLY A 38 8.47 -12.38 4.89
N SER A 39 8.65 -11.24 5.53
CA SER A 39 7.69 -10.62 6.45
C SER A 39 8.02 -9.13 6.45
N GLU A 40 7.12 -8.34 6.98
CA GLU A 40 7.33 -6.88 7.03
C GLU A 40 7.23 -6.40 8.47
N TYR A 41 8.17 -5.57 8.90
CA TYR A 41 8.08 -4.88 10.21
C TYR A 41 7.95 -3.41 9.88
N ASP A 42 6.90 -2.80 10.41
CA ASP A 42 6.63 -1.35 10.21
C ASP A 42 7.14 -0.61 11.43
N THR A 43 8.21 0.16 11.26
CA THR A 43 8.93 0.77 12.38
C THR A 43 7.98 1.61 13.23
N VAL A 44 7.97 1.34 14.54
CA VAL A 44 7.11 2.13 15.46
C VAL A 44 7.85 3.39 15.89
N TYR A 45 7.33 4.55 15.52
CA TYR A 45 7.83 5.87 16.01
C TYR A 45 6.78 6.92 15.67
N PRO A 46 6.67 7.99 16.49
CA PRO A 46 5.61 8.98 16.35
C PRO A 46 5.79 9.88 15.12
N ALA A 47 5.73 9.26 13.94
CA ALA A 47 5.96 9.93 12.62
C ALA A 47 5.09 11.19 12.53
N GLY A 48 5.76 12.35 12.42
CA GLY A 48 5.12 13.69 12.33
C GLY A 48 4.54 14.15 13.66
N ILE A 49 4.70 13.38 14.73
CA ILE A 49 4.23 13.77 16.11
C ILE A 49 5.45 13.97 17.03
N ASP A 50 6.59 13.34 16.75
CA ASP A 50 7.75 13.38 17.68
C ASP A 50 8.57 14.64 17.36
N GLN A 51 9.57 14.87 18.22
CA GLN A 51 10.58 15.95 18.15
C GLN A 51 11.68 15.51 17.19
N ASN A 52 11.85 14.19 17.03
CA ASN A 52 12.88 13.57 16.15
C ASN A 52 12.46 12.12 15.86
N SER A 53 13.36 11.34 15.24
CA SER A 53 13.08 9.94 14.88
C SER A 53 13.99 8.94 15.62
N ALA A 54 14.60 9.32 16.75
CA ALA A 54 15.53 8.47 17.54
C ALA A 54 14.88 7.13 17.89
N GLN A 55 13.57 7.19 18.17
CA GLN A 55 12.73 6.02 18.53
C GLN A 55 12.66 5.07 17.32
N GLY A 56 12.52 5.64 16.13
CA GLY A 56 12.46 4.83 14.89
C GLY A 56 13.80 4.14 14.66
N THR A 57 14.89 4.89 14.83
CA THR A 57 16.25 4.36 14.65
C THR A 57 16.43 3.21 15.62
N ALA A 58 16.01 3.40 16.86
CA ALA A 58 16.25 2.36 17.89
C ALA A 58 15.48 1.09 17.51
N ASN A 59 14.25 1.25 17.00
CA ASN A 59 13.41 0.08 16.68
C ASN A 59 13.95 -0.59 15.42
N ILE A 60 14.50 0.15 14.44
CA ILE A 60 15.18 -0.52 13.29
C ILE A 60 16.30 -1.42 13.81
N VAL A 61 17.18 -0.87 14.61
CA VAL A 61 18.34 -1.63 15.14
C VAL A 61 17.81 -2.81 15.96
N ALA A 62 16.81 -2.63 16.82
CA ALA A 62 16.34 -3.71 17.69
C ALA A 62 15.76 -4.84 16.86
N GLN A 63 15.06 -4.55 15.76
CA GLN A 63 14.39 -5.63 15.00
C GLN A 63 15.43 -6.41 14.19
N VAL A 64 16.51 -5.76 13.77
CA VAL A 64 17.59 -6.52 13.08
C VAL A 64 18.20 -7.50 14.09
N LYS A 65 18.50 -7.02 15.31
CA LYS A 65 19.16 -7.84 16.35
C LYS A 65 18.20 -8.96 16.80
N ALA A 66 16.90 -8.67 16.91
CA ALA A 66 15.89 -9.66 17.38
C ALA A 66 15.71 -10.75 16.30
N GLY A 67 15.65 -10.33 15.04
CA GLY A 67 15.58 -11.30 13.93
C GLY A 67 16.80 -12.21 13.90
N LEU A 68 17.99 -11.67 14.06
CA LEU A 68 19.22 -12.51 14.02
C LEU A 68 19.26 -13.48 15.19
N ALA A 69 18.77 -13.06 16.35
CA ALA A 69 18.65 -13.95 17.51
C ALA A 69 17.67 -15.09 17.19
N ARG A 70 16.56 -14.81 16.51
CA ARG A 70 15.59 -15.87 16.13
C ARG A 70 16.28 -16.84 15.18
N ASN A 71 17.01 -16.31 14.20
CA ASN A 71 17.57 -17.13 13.11
C ASN A 71 18.74 -16.35 12.54
N PRO A 72 19.97 -16.83 12.77
CA PRO A 72 21.15 -16.05 12.44
C PRO A 72 21.38 -15.82 10.93
N ASN A 73 20.65 -16.54 10.09
CA ASN A 73 20.73 -16.38 8.62
C ASN A 73 19.58 -15.50 8.12
N THR A 74 18.77 -14.92 9.02
CA THR A 74 17.72 -13.95 8.61
C THR A 74 18.37 -12.81 7.84
N CYS A 75 17.80 -12.42 6.69
CA CYS A 75 18.26 -11.26 5.89
C CYS A 75 17.34 -10.07 6.13
N PHE A 76 17.79 -8.86 5.83
CA PHE A 76 16.96 -7.65 6.00
C PHE A 76 17.04 -6.76 4.77
N LEU A 77 15.90 -6.17 4.40
CA LEU A 77 15.90 -4.94 3.55
C LEU A 77 15.45 -3.78 4.43
N LEU A 78 16.15 -2.66 4.43
CA LEU A 78 15.71 -1.47 5.19
C LEU A 78 15.15 -0.46 4.20
N GLU A 79 13.96 0.00 4.45
CA GLU A 79 13.25 0.97 3.57
C GLU A 79 12.93 2.19 4.43
N GLY A 80 13.20 3.38 3.91
CA GLY A 80 12.87 4.63 4.62
C GLY A 80 12.41 5.69 3.66
N TYR A 81 11.32 6.39 4.02
CA TYR A 81 10.73 7.51 3.26
C TYR A 81 10.81 8.75 4.12
N SER A 82 11.38 9.83 3.61
CA SER A 82 11.31 11.16 4.27
C SER A 82 11.97 11.07 5.66
N GLN A 83 11.31 11.48 6.75
CA GLN A 83 11.91 11.38 8.11
C GLN A 83 12.33 9.93 8.38
N GLY A 84 11.61 8.95 7.83
CA GLY A 84 11.97 7.53 7.96
C GLY A 84 13.26 7.18 7.21
N ALA A 85 13.61 7.88 6.13
CA ALA A 85 14.90 7.69 5.45
C ALA A 85 16.02 8.25 6.31
N ALA A 86 15.81 9.41 6.95
CA ALA A 86 16.77 9.95 7.94
C ALA A 86 16.94 8.94 9.05
N ALA A 87 15.85 8.41 9.60
CA ALA A 87 15.95 7.47 10.73
C ALA A 87 16.71 6.23 10.29
N THR A 88 16.55 5.81 9.05
CA THR A 88 17.24 4.63 8.51
C THR A 88 18.74 4.91 8.36
N CYS A 89 19.09 6.06 7.78
CA CYS A 89 20.50 6.51 7.67
C CYS A 89 21.11 6.50 9.08
N ASN A 90 20.40 7.02 10.09
CA ASN A 90 20.95 7.14 11.46
C ASN A 90 21.20 5.73 12.04
N ALA A 91 20.45 4.71 11.60
CA ALA A 91 20.62 3.34 12.10
C ALA A 91 21.90 2.71 11.52
N LEU A 92 22.33 3.12 10.33
CA LEU A 92 23.36 2.37 9.58
C LEU A 92 24.68 2.24 10.36
N PRO A 93 25.21 3.29 11.01
CA PRO A 93 26.44 3.16 11.79
C PRO A 93 26.33 2.26 13.03
N GLN A 94 25.11 2.00 13.47
CA GLN A 94 24.81 1.18 14.66
C GLN A 94 24.67 -0.29 14.27
N LEU A 95 24.69 -0.57 12.99
CA LEU A 95 24.56 -1.96 12.47
C LEU A 95 25.93 -2.41 11.98
N THR A 96 26.66 -3.14 12.81
CA THR A 96 28.06 -3.55 12.54
C THR A 96 28.16 -5.07 12.55
N GLY A 97 29.30 -5.57 12.06
CA GLY A 97 29.62 -7.01 12.02
C GLY A 97 28.47 -7.84 11.50
N ALA A 98 27.95 -8.78 12.29
CA ALA A 98 26.93 -9.73 11.79
C ALA A 98 25.66 -8.97 11.33
N ALA A 99 25.34 -7.88 12.03
CA ALA A 99 24.10 -7.10 11.80
C ALA A 99 24.26 -6.36 10.47
N PHE A 100 25.45 -5.83 10.20
CA PHE A 100 25.76 -5.24 8.87
C PHE A 100 25.62 -6.32 7.79
N ASP A 101 26.19 -7.51 8.03
CA ASP A 101 26.26 -8.56 6.99
C ASP A 101 24.85 -9.03 6.65
N ALA A 102 23.93 -8.96 7.60
CA ALA A 102 22.56 -9.46 7.45
C ALA A 102 21.74 -8.50 6.59
N VAL A 103 22.06 -7.21 6.62
CA VAL A 103 21.26 -6.22 5.85
C VAL A 103 21.72 -6.29 4.39
N LYS A 104 20.88 -6.76 3.49
CA LYS A 104 21.29 -6.99 2.09
C LYS A 104 21.08 -5.76 1.24
N GLY A 105 20.21 -4.87 1.64
CA GLY A 105 19.95 -3.67 0.82
C GLY A 105 19.20 -2.62 1.60
N VAL A 106 19.40 -1.37 1.23
CA VAL A 106 18.77 -0.20 1.89
C VAL A 106 18.16 0.63 0.74
N ILE A 107 16.84 0.84 0.81
CA ILE A 107 16.09 1.63 -0.20
C ILE A 107 15.58 2.89 0.48
N LEU A 108 16.01 4.04 -0.02
CA LEU A 108 15.60 5.33 0.55
C LEU A 108 14.90 6.12 -0.54
N ILE A 109 13.78 6.73 -0.19
CA ILE A 109 13.06 7.66 -1.08
C ILE A 109 12.88 8.99 -0.33
N GLY A 110 13.09 10.09 -1.04
CA GLY A 110 12.95 11.46 -0.48
C GLY A 110 13.71 11.60 0.81
N ASN A 111 15.00 11.33 0.74
CA ASN A 111 15.87 11.25 1.91
C ASN A 111 16.31 12.66 2.30
N PRO A 112 15.94 13.13 3.50
CA PRO A 112 16.40 14.42 4.01
C PRO A 112 17.93 14.49 4.16
N GLU A 113 18.57 13.34 4.39
CA GLU A 113 20.04 13.24 4.56
C GLU A 113 20.71 12.94 3.23
N HIS A 114 20.03 13.17 2.10
CA HIS A 114 20.63 12.98 0.75
C HIS A 114 21.96 13.72 0.66
N LYS A 115 23.01 13.01 0.24
CA LYS A 115 24.38 13.55 0.14
C LYS A 115 24.82 13.59 -1.31
N PRO A 116 25.46 14.69 -1.74
CA PRO A 116 25.96 14.78 -3.11
C PRO A 116 26.94 13.67 -3.53
N ASN A 117 26.78 13.19 -4.76
CA ASN A 117 27.81 12.42 -5.51
C ASN A 117 28.09 11.07 -4.87
N LEU A 118 27.12 10.47 -4.19
CA LEU A 118 27.25 9.06 -3.74
C LEU A 118 26.75 8.13 -4.82
N ALA A 119 27.41 6.98 -5.01
CA ALA A 119 27.11 6.04 -6.12
C ALA A 119 25.69 5.50 -6.00
N CYS A 120 25.08 5.54 -4.83
CA CYS A 120 23.71 4.98 -4.59
C CYS A 120 22.64 5.95 -5.09
N ASN A 121 23.01 7.16 -5.47
CA ASN A 121 22.04 8.23 -5.78
C ASN A 121 21.52 8.05 -7.20
N VAL A 122 20.20 7.95 -7.35
CA VAL A 122 19.53 7.98 -8.68
C VAL A 122 18.30 8.88 -8.58
N ASP A 123 17.78 9.32 -9.73
CA ASP A 123 16.49 10.06 -9.76
C ASP A 123 15.36 9.06 -10.03
N GLY A 124 14.13 9.56 -10.16
CA GLY A 124 12.93 8.73 -10.37
C GLY A 124 13.05 7.89 -11.62
N ASN A 125 13.79 8.37 -12.62
CA ASN A 125 14.05 7.69 -13.93
C ASN A 125 15.41 6.97 -13.93
N GLY A 126 16.09 6.88 -12.79
CA GLY A 126 17.32 6.09 -12.68
C GLY A 126 18.54 6.83 -13.19
N GLY A 127 18.40 8.10 -13.55
CA GLY A 127 19.52 8.94 -14.03
C GLY A 127 20.13 9.81 -12.95
N LYS A 128 20.80 10.87 -13.39
CA LYS A 128 21.73 11.63 -12.54
C LYS A 128 21.26 13.06 -12.32
N THR A 129 19.97 13.36 -12.48
CA THR A 129 19.47 14.76 -12.34
C THR A 129 19.49 15.19 -10.86
N THR A 130 19.62 14.26 -9.90
CA THR A 130 19.70 14.60 -8.46
C THR A 130 21.00 14.01 -7.88
N PHE A 131 21.96 13.61 -8.73
CA PHE A 131 23.18 12.88 -8.28
C PHE A 131 23.97 13.76 -7.31
N SER A 132 24.08 15.05 -7.60
CA SER A 132 24.94 15.94 -6.76
C SER A 132 24.06 16.68 -5.74
N ALA A 133 22.81 16.27 -5.59
CA ALA A 133 21.87 17.00 -4.70
C ALA A 133 22.22 16.88 -3.22
N ARG A 134 21.92 17.97 -2.50
CA ARG A 134 22.01 18.07 -1.03
C ARG A 134 20.59 18.03 -0.48
N GLY A 135 20.37 17.16 0.52
CA GLY A 135 19.10 17.10 1.23
C GLY A 135 18.93 18.21 2.24
N ILE A 136 17.70 18.46 2.65
CA ILE A 136 17.36 19.54 3.62
C ILE A 136 18.03 19.30 4.98
N SER A 137 18.46 18.08 5.27
CA SER A 137 19.14 17.80 6.57
C SER A 137 20.63 17.57 6.36
N ALA A 138 21.15 17.69 5.14
CA ALA A 138 22.53 17.24 4.84
C ALA A 138 23.56 18.03 5.66
N ALA A 139 23.31 19.31 5.95
CA ALA A 139 24.31 20.15 6.68
C ALA A 139 24.49 19.67 8.13
N PHE A 140 23.54 18.89 8.67
CA PHE A 140 23.51 18.54 10.11
C PHE A 140 23.57 17.04 10.35
N THR A 141 23.70 16.22 9.31
CA THR A 141 23.63 14.76 9.46
C THR A 141 24.70 14.13 8.57
N GLN A 142 24.91 12.82 8.71
CA GLN A 142 26.00 12.13 7.99
C GLN A 142 25.46 11.37 6.79
N GLY A 143 24.14 11.16 6.70
CA GLY A 143 23.60 10.40 5.53
C GLY A 143 24.16 8.99 5.44
N VAL A 144 24.26 8.46 4.22
CA VAL A 144 24.64 7.04 4.02
C VAL A 144 26.13 6.91 4.24
N PRO A 145 26.60 6.11 5.22
CA PRO A 145 28.03 6.00 5.44
C PRO A 145 28.74 5.32 4.27
N SER A 146 30.03 5.59 4.15
CA SER A 146 30.83 5.09 3.02
C SER A 146 30.66 3.59 2.87
N ASN A 147 30.64 2.83 3.97
CA ASN A 147 30.63 1.35 3.90
C ASN A 147 29.23 0.80 3.56
N TRP A 148 28.20 1.66 3.44
CA TRP A 148 26.81 1.27 3.09
C TRP A 148 26.45 1.62 1.66
N VAL A 149 27.20 2.51 1.03
CA VAL A 149 26.84 3.00 -0.35
C VAL A 149 26.64 1.80 -1.27
N SER A 150 27.49 0.78 -1.23
CA SER A 150 27.40 -0.32 -2.24
C SER A 150 26.18 -1.21 -2.01
N LYS A 151 25.41 -1.04 -0.92
CA LYS A 151 24.16 -1.81 -0.77
C LYS A 151 22.98 -0.86 -0.53
N THR A 152 23.08 0.35 -1.07
CA THR A 152 22.02 1.37 -0.93
C THR A 152 21.54 1.84 -2.29
N LEU A 153 20.25 2.13 -2.35
CA LEU A 153 19.57 2.78 -3.49
C LEU A 153 18.87 4.01 -2.91
N ASP A 154 19.37 5.20 -3.24
CA ASP A 154 18.88 6.48 -2.67
C ASP A 154 18.18 7.27 -3.78
N ILE A 155 16.86 7.16 -3.84
CA ILE A 155 16.08 7.66 -4.98
C ILE A 155 15.59 9.05 -4.59
N CYS A 156 15.88 10.05 -5.40
CA CYS A 156 15.46 11.44 -5.18
C CYS A 156 14.81 11.93 -6.45
N ILE A 157 13.49 12.11 -6.41
CA ILE A 157 12.71 12.66 -7.55
C ILE A 157 13.12 14.11 -7.77
N TYR A 158 13.48 14.48 -8.99
CA TYR A 158 13.92 15.85 -9.29
C TYR A 158 12.75 16.78 -8.93
N GLY A 159 12.98 17.83 -8.14
CA GLY A 159 11.89 18.73 -7.73
C GLY A 159 11.46 18.45 -6.30
N ASP A 160 11.96 17.36 -5.72
CA ASP A 160 11.70 17.02 -4.31
C ASP A 160 12.66 17.83 -3.42
N GLY A 161 12.14 18.80 -2.71
CA GLY A 161 12.95 19.76 -1.94
C GLY A 161 13.50 19.13 -0.67
N VAL A 162 13.01 17.95 -0.34
CA VAL A 162 13.48 17.25 0.88
C VAL A 162 14.84 16.65 0.57
N CYS A 163 15.05 16.06 -0.62
CA CYS A 163 16.34 15.41 -0.94
C CYS A 163 17.18 16.24 -1.90
N ASP A 164 16.61 17.28 -2.52
CA ASP A 164 17.35 18.14 -3.47
C ASP A 164 16.93 19.59 -3.25
N VAL A 165 17.68 20.28 -2.42
CA VAL A 165 17.32 21.68 -2.02
C VAL A 165 17.44 22.61 -3.22
N SER A 166 18.12 22.19 -4.28
CA SER A 166 18.32 23.04 -5.48
C SER A 166 17.05 23.06 -6.34
N SER A 167 16.17 22.05 -6.25
CA SER A 167 15.05 21.89 -7.20
C SER A 167 13.69 22.09 -6.53
N GLY A 168 13.64 22.35 -5.23
CA GLY A 168 12.39 22.61 -4.51
C GLY A 168 12.70 23.09 -3.10
N PHE A 169 11.78 23.81 -2.51
CA PHE A 169 11.87 24.34 -1.14
C PHE A 169 11.01 23.48 -0.21
N GLY A 170 11.65 22.78 0.70
CA GLY A 170 10.97 21.95 1.71
C GLY A 170 10.12 20.85 1.08
N ILE A 171 9.01 20.50 1.71
CA ILE A 171 8.08 19.44 1.20
C ILE A 171 7.35 20.01 -0.02
N THR A 172 7.70 19.51 -1.18
CA THR A 172 7.12 19.91 -2.48
C THR A 172 6.19 18.79 -2.93
N PRO A 173 5.24 19.08 -3.83
CA PRO A 173 4.33 18.02 -4.26
C PRO A 173 5.08 16.78 -4.75
N GLN A 174 6.26 16.97 -5.35
CA GLN A 174 7.11 15.88 -5.91
C GLN A 174 7.41 14.87 -4.80
N HIS A 175 7.67 15.35 -3.59
CA HIS A 175 7.98 14.54 -2.38
C HIS A 175 6.90 13.49 -2.17
N LEU A 176 5.66 13.75 -2.59
CA LEU A 176 4.52 12.90 -2.22
C LEU A 176 4.28 11.79 -3.25
N THR A 177 5.07 11.67 -4.31
CA THR A 177 4.67 10.95 -5.55
C THR A 177 5.40 9.60 -5.64
N TYR A 178 6.28 9.24 -4.71
CA TYR A 178 7.12 8.02 -4.91
C TYR A 178 6.27 6.74 -4.99
N GLY A 179 5.21 6.60 -4.18
CA GLY A 179 4.39 5.36 -4.18
C GLY A 179 3.68 5.11 -5.50
N TYR A 180 3.32 6.16 -6.23
CA TYR A 180 2.66 5.93 -7.54
C TYR A 180 3.57 6.31 -8.69
N ASN A 181 4.88 6.40 -8.47
CA ASN A 181 5.87 6.52 -9.55
C ASN A 181 6.26 5.11 -10.00
N THR A 182 5.91 4.71 -11.22
CA THR A 182 6.04 3.29 -11.65
C THR A 182 7.51 2.91 -11.74
N ASN A 183 8.39 3.81 -12.21
CA ASN A 183 9.81 3.43 -12.37
C ASN A 183 10.45 3.35 -10.97
N VAL A 184 10.04 4.21 -10.04
CA VAL A 184 10.53 4.08 -8.62
C VAL A 184 10.23 2.65 -8.14
N GLN A 185 8.99 2.18 -8.30
CA GLN A 185 8.56 0.87 -7.76
C GLN A 185 9.33 -0.24 -8.47
N THR A 186 9.55 -0.10 -9.77
CA THR A 186 10.29 -1.10 -10.54
C THR A 186 11.75 -1.16 -10.06
N MET A 187 12.43 -0.01 -9.97
CA MET A 187 13.83 0.08 -9.50
C MET A 187 13.94 -0.54 -8.11
N GLY A 188 13.03 -0.16 -7.20
CA GLY A 188 13.05 -0.70 -5.81
C GLY A 188 12.87 -2.22 -5.81
N ALA A 189 11.91 -2.72 -6.56
CA ALA A 189 11.60 -4.17 -6.56
C ALA A 189 12.82 -4.92 -7.11
N ASN A 190 13.40 -4.44 -8.20
CA ASN A 190 14.51 -5.18 -8.86
C ASN A 190 15.74 -5.14 -7.93
N PHE A 191 15.98 -4.02 -7.27
CA PHE A 191 17.10 -3.89 -6.31
C PHE A 191 16.88 -4.87 -5.14
N GLY A 192 15.69 -4.88 -4.53
CA GLY A 192 15.42 -5.70 -3.35
C GLY A 192 15.45 -7.16 -3.68
N ILE A 193 14.92 -7.53 -4.84
CA ILE A 193 14.88 -8.98 -5.20
C ILE A 193 16.33 -9.45 -5.37
N LYS A 194 17.13 -8.67 -6.11
CA LYS A 194 18.53 -9.06 -6.40
C LYS A 194 19.35 -9.05 -5.10
N ALA A 195 19.12 -8.11 -4.21
CA ALA A 195 19.86 -8.04 -2.93
C ALA A 195 19.58 -9.34 -2.14
N LEU A 196 18.33 -9.77 -2.07
CA LEU A 196 17.95 -10.97 -1.27
C LEU A 196 18.41 -12.28 -1.93
N GLN A 197 18.36 -12.36 -3.25
CA GLN A 197 18.71 -13.60 -4.02
C GLN A 197 20.24 -13.73 -4.19
N GLY A 198 21.02 -12.66 -4.07
CA GLY A 198 22.46 -12.61 -4.40
C GLY A 198 23.35 -12.90 -3.21
N GLY B 2 -30.80 8.71 6.90
CA GLY B 2 -29.31 8.50 6.73
C GLY B 2 -28.63 9.56 5.85
N CYS B 3 -27.96 9.12 4.80
CA CYS B 3 -27.19 9.97 3.85
C CYS B 3 -28.11 10.56 2.79
N SER B 4 -28.00 11.85 2.54
CA SER B 4 -28.82 12.54 1.50
C SER B 4 -27.96 12.79 0.25
N SER B 5 -26.64 12.62 0.39
CA SER B 5 -25.68 12.88 -0.71
C SER B 5 -24.52 11.90 -0.58
N TYR B 6 -24.26 11.12 -1.62
CA TYR B 6 -23.20 10.10 -1.52
C TYR B 6 -22.56 9.83 -2.88
N VAL B 7 -21.32 9.35 -2.80
CA VAL B 7 -20.56 8.88 -3.98
C VAL B 7 -20.28 7.40 -3.80
N ILE B 8 -20.58 6.62 -4.83
CA ILE B 8 -20.10 5.22 -4.99
C ILE B 8 -18.75 5.30 -5.69
N ILE B 9 -17.68 4.99 -4.97
CA ILE B 9 -16.30 4.94 -5.53
C ILE B 9 -16.10 3.50 -5.99
N ASN B 10 -15.97 3.35 -7.30
CA ASN B 10 -16.00 2.03 -7.96
C ASN B 10 -14.63 1.81 -8.58
N THR B 11 -13.95 0.73 -8.19
CA THR B 11 -12.57 0.45 -8.65
C THR B 11 -12.56 -0.92 -9.29
N ARG B 12 -12.23 -0.95 -10.57
CA ARG B 12 -12.46 -2.12 -11.45
C ARG B 12 -11.28 -3.12 -11.39
N GLY B 13 -11.49 -4.27 -12.05
CA GLY B 13 -10.54 -5.39 -12.16
C GLY B 13 -9.58 -5.17 -13.32
N THR B 14 -8.53 -5.98 -13.36
CA THR B 14 -7.52 -5.94 -14.43
C THR B 14 -8.21 -6.04 -15.78
N SER B 15 -7.86 -5.13 -16.67
CA SER B 15 -8.20 -5.15 -18.11
C SER B 15 -9.65 -4.74 -18.37
N GLU B 16 -10.44 -4.43 -17.36
CA GLU B 16 -11.71 -3.72 -17.59
C GLU B 16 -11.38 -2.34 -18.16
N PRO B 17 -12.07 -1.86 -19.23
CA PRO B 17 -11.90 -0.49 -19.69
C PRO B 17 -12.28 0.50 -18.57
N GLN B 18 -11.58 1.62 -18.60
CA GLN B 18 -11.89 2.79 -17.72
C GLN B 18 -13.38 3.08 -17.86
N GLY B 19 -14.08 2.99 -16.75
CA GLY B 19 -15.54 2.99 -16.70
C GLY B 19 -16.00 2.15 -15.53
N PRO B 20 -17.32 1.98 -15.34
CA PRO B 20 -17.83 1.17 -14.26
C PRO B 20 -17.37 -0.29 -14.42
N SER B 21 -17.03 -0.91 -13.32
CA SER B 21 -16.71 -2.36 -13.28
C SER B 21 -17.94 -3.16 -13.71
N VAL B 22 -17.73 -4.32 -14.30
CA VAL B 22 -18.85 -5.26 -14.51
C VAL B 22 -19.38 -5.74 -13.16
N GLY B 23 -18.57 -5.65 -12.11
CA GLY B 23 -18.83 -6.33 -10.82
C GLY B 23 -20.09 -5.88 -10.10
N PHE B 24 -20.50 -4.62 -10.26
CA PHE B 24 -21.48 -4.01 -9.34
C PHE B 24 -22.63 -3.34 -10.09
N ARG B 25 -22.78 -3.60 -11.38
CA ARG B 25 -23.76 -2.81 -12.15
C ARG B 25 -25.19 -3.02 -11.62
N THR B 26 -25.64 -4.25 -11.48
CA THR B 26 -27.02 -4.57 -11.01
C THR B 26 -27.24 -3.94 -9.63
N MET B 27 -26.36 -4.23 -8.67
CA MET B 27 -26.54 -3.75 -7.28
C MET B 27 -26.56 -2.23 -7.29
N ASN B 28 -25.73 -1.59 -8.10
CA ASN B 28 -25.68 -0.10 -8.11
C ASN B 28 -26.97 0.49 -8.66
N THR B 29 -27.56 -0.11 -9.66
CA THR B 29 -28.87 0.33 -10.20
C THR B 29 -29.85 0.34 -9.03
N ARG B 30 -29.81 -0.68 -8.18
CA ARG B 30 -30.77 -0.81 -7.08
C ARG B 30 -30.45 0.21 -5.99
N ILE B 31 -29.18 0.33 -5.63
CA ILE B 31 -28.80 1.28 -4.57
C ILE B 31 -29.17 2.71 -5.00
N ARG B 32 -28.82 3.10 -6.23
CA ARG B 32 -29.10 4.47 -6.74
C ARG B 32 -30.61 4.72 -6.73
N SER B 33 -31.42 3.72 -7.03
CA SER B 33 -32.91 3.81 -7.05
C SER B 33 -33.45 3.96 -5.64
N ALA B 34 -32.89 3.26 -4.67
CA ALA B 34 -33.37 3.22 -3.25
C ALA B 34 -32.93 4.47 -2.49
N VAL B 35 -31.74 4.95 -2.77
CA VAL B 35 -31.10 6.06 -2.00
C VAL B 35 -30.87 7.22 -2.94
N SER B 36 -31.63 8.30 -2.73
CA SER B 36 -31.52 9.49 -3.60
C SER B 36 -30.19 10.22 -3.31
N GLY B 37 -29.73 11.02 -4.28
CA GLY B 37 -28.58 11.92 -4.05
C GLY B 37 -27.28 11.25 -4.38
N GLY B 38 -27.36 10.13 -5.11
CA GLY B 38 -26.16 9.33 -5.44
C GLY B 38 -25.45 9.78 -6.70
N SER B 39 -24.15 9.52 -6.76
CA SER B 39 -23.34 9.62 -7.98
C SER B 39 -22.26 8.51 -7.91
N GLU B 40 -21.60 8.29 -9.05
CA GLU B 40 -20.55 7.26 -9.17
C GLU B 40 -19.24 7.90 -9.61
N TYR B 41 -18.16 7.61 -8.91
CA TYR B 41 -16.81 7.92 -9.41
C TYR B 41 -16.14 6.59 -9.75
N ASP B 42 -15.74 6.45 -10.99
CA ASP B 42 -14.99 5.28 -11.49
C ASP B 42 -13.51 5.60 -11.38
N THR B 43 -12.83 4.92 -10.47
CA THR B 43 -11.47 5.24 -10.06
C THR B 43 -10.59 5.22 -11.29
N VAL B 44 -9.88 6.32 -11.48
CA VAL B 44 -8.96 6.47 -12.63
C VAL B 44 -7.64 5.81 -12.25
N TYR B 45 -7.30 4.75 -12.97
CA TYR B 45 -5.98 4.10 -12.90
C TYR B 45 -5.92 3.11 -14.04
N PRO B 46 -4.76 2.49 -14.32
CA PRO B 46 -4.65 1.67 -15.53
C PRO B 46 -5.40 0.34 -15.50
N ALA B 47 -5.68 -0.15 -14.29
CA ALA B 47 -6.13 -1.56 -14.10
C ALA B 47 -5.25 -2.46 -15.01
N GLY B 48 -3.94 -2.37 -14.79
CA GLY B 48 -2.93 -2.92 -15.69
C GLY B 48 -2.56 -4.33 -15.33
N ILE B 49 -2.00 -5.04 -16.29
CA ILE B 49 -1.65 -6.46 -16.08
C ILE B 49 -0.59 -6.64 -14.99
N ASP B 50 0.25 -5.65 -14.72
CA ASP B 50 1.32 -5.79 -13.68
C ASP B 50 0.76 -5.68 -12.26
N GLN B 51 -0.55 -5.48 -12.09
CA GLN B 51 -1.20 -5.43 -10.75
C GLN B 51 -0.68 -4.24 -9.91
N ASN B 52 -0.10 -3.21 -10.53
CA ASN B 52 0.34 -2.00 -9.80
C ASN B 52 -0.87 -1.09 -9.61
N SER B 53 -1.54 -1.16 -8.46
CA SER B 53 -2.80 -0.42 -8.26
C SER B 53 -2.57 0.84 -7.43
N ALA B 54 -1.32 1.28 -7.25
CA ALA B 54 -1.03 2.43 -6.36
C ALA B 54 -1.76 3.70 -6.80
N GLN B 55 -1.92 3.94 -8.10
CA GLN B 55 -2.65 5.14 -8.57
C GLN B 55 -4.13 4.98 -8.24
N GLY B 56 -4.67 3.77 -8.31
CA GLY B 56 -6.08 3.54 -7.93
C GLY B 56 -6.29 3.90 -6.46
N THR B 57 -5.45 3.34 -5.58
CA THR B 57 -5.53 3.62 -4.12
C THR B 57 -5.45 5.14 -3.91
N ALA B 58 -4.47 5.79 -4.54
CA ALA B 58 -4.27 7.24 -4.41
C ALA B 58 -5.55 8.00 -4.83
N ASN B 59 -6.21 7.58 -5.90
CA ASN B 59 -7.41 8.31 -6.39
C ASN B 59 -8.64 7.98 -5.55
N ILE B 60 -8.70 6.80 -4.91
CA ILE B 60 -9.81 6.53 -3.94
C ILE B 60 -9.67 7.52 -2.79
N VAL B 61 -8.46 7.63 -2.24
CA VAL B 61 -8.18 8.50 -1.06
C VAL B 61 -8.43 9.95 -1.44
N ALA B 62 -7.98 10.37 -2.61
CA ALA B 62 -8.14 11.77 -3.11
C ALA B 62 -9.61 12.09 -3.23
N GLN B 63 -10.41 11.18 -3.78
CA GLN B 63 -11.84 11.40 -4.07
C GLN B 63 -12.61 11.55 -2.76
N VAL B 64 -12.30 10.75 -1.75
CA VAL B 64 -12.97 10.88 -0.41
C VAL B 64 -12.60 12.24 0.17
N LYS B 65 -11.33 12.60 0.16
CA LYS B 65 -10.85 13.87 0.77
C LYS B 65 -11.42 15.05 -0.02
N ALA B 66 -11.47 14.94 -1.33
CA ALA B 66 -11.96 16.08 -2.14
C ALA B 66 -13.47 16.22 -1.94
N GLY B 67 -14.18 15.09 -1.86
CA GLY B 67 -15.64 15.07 -1.66
C GLY B 67 -15.98 15.71 -0.33
N LEU B 68 -15.23 15.39 0.73
CA LEU B 68 -15.51 15.95 2.08
C LEU B 68 -15.17 17.44 2.10
N ALA B 69 -14.12 17.89 1.42
CA ALA B 69 -13.81 19.33 1.37
C ALA B 69 -14.95 20.07 0.65
N ARG B 70 -15.53 19.44 -0.37
CA ARG B 70 -16.68 20.03 -1.14
C ARG B 70 -17.91 20.12 -0.23
N ASN B 71 -18.14 19.09 0.59
CA ASN B 71 -19.37 19.03 1.40
C ASN B 71 -19.11 17.99 2.47
N PRO B 72 -18.91 18.38 3.73
CA PRO B 72 -18.52 17.40 4.76
C PRO B 72 -19.65 16.40 5.05
N ASN B 73 -20.84 16.60 4.50
CA ASN B 73 -21.99 15.72 4.70
C ASN B 73 -21.94 14.54 3.72
N THR B 74 -21.02 14.55 2.77
CA THR B 74 -20.97 13.52 1.73
C THR B 74 -20.64 12.16 2.36
N CYS B 75 -21.44 11.16 2.04
CA CYS B 75 -21.15 9.73 2.36
C CYS B 75 -20.52 9.03 1.16
N PHE B 76 -19.84 7.93 1.45
CA PHE B 76 -19.19 7.09 0.42
C PHE B 76 -19.54 5.62 0.66
N LEU B 77 -19.74 4.93 -0.45
CA LEU B 77 -19.68 3.46 -0.53
C LEU B 77 -18.46 3.13 -1.40
N LEU B 78 -17.54 2.30 -0.90
CA LEU B 78 -16.36 1.89 -1.70
C LEU B 78 -16.65 0.48 -2.22
N GLU B 79 -16.43 0.31 -3.52
CA GLU B 79 -16.63 -0.93 -4.28
C GLU B 79 -15.32 -1.26 -4.97
N GLY B 80 -14.79 -2.46 -4.74
CA GLY B 80 -13.56 -2.88 -5.39
C GLY B 80 -13.73 -4.31 -5.88
N TYR B 81 -13.41 -4.55 -7.13
CA TYR B 81 -13.41 -5.90 -7.75
C TYR B 81 -11.99 -6.24 -8.15
N SER B 82 -11.50 -7.40 -7.66
CA SER B 82 -10.27 -8.04 -8.16
C SER B 82 -9.07 -7.11 -7.88
N GLN B 83 -8.29 -6.70 -8.87
CA GLN B 83 -7.20 -5.72 -8.60
C GLN B 83 -7.78 -4.51 -7.87
N GLY B 84 -8.98 -4.08 -8.24
CA GLY B 84 -9.66 -2.97 -7.60
C GLY B 84 -9.98 -3.21 -6.14
N ALA B 85 -10.21 -4.46 -5.74
CA ALA B 85 -10.45 -4.82 -4.32
C ALA B 85 -9.13 -4.66 -3.55
N ALA B 86 -8.01 -5.08 -4.11
CA ALA B 86 -6.69 -4.82 -3.50
C ALA B 86 -6.47 -3.30 -3.34
N ALA B 87 -6.74 -2.53 -4.39
CA ALA B 87 -6.58 -1.08 -4.34
C ALA B 87 -7.43 -0.50 -3.20
N THR B 88 -8.64 -0.99 -3.02
CA THR B 88 -9.59 -0.47 -2.03
C THR B 88 -9.07 -0.86 -0.65
N CYS B 89 -8.65 -2.11 -0.48
CA CYS B 89 -8.09 -2.53 0.82
C CYS B 89 -6.91 -1.63 1.20
N ASN B 90 -6.05 -1.34 0.25
CA ASN B 90 -4.84 -0.54 0.52
C ASN B 90 -5.23 0.91 0.87
N ALA B 91 -6.39 1.41 0.42
CA ALA B 91 -6.87 2.79 0.71
C ALA B 91 -7.31 2.89 2.18
N LEU B 92 -7.85 1.81 2.74
CA LEU B 92 -8.57 1.86 4.05
C LEU B 92 -7.69 2.46 5.13
N PRO B 93 -6.40 2.06 5.32
CA PRO B 93 -5.57 2.64 6.38
C PRO B 93 -5.28 4.12 6.17
N GLN B 94 -5.38 4.58 4.93
CA GLN B 94 -5.12 6.00 4.60
C GLN B 94 -6.37 6.83 4.81
N LEU B 95 -7.54 6.21 4.99
CA LEU B 95 -8.81 6.95 5.21
C LEU B 95 -9.03 7.05 6.72
N THR B 96 -8.52 8.13 7.29
CA THR B 96 -8.48 8.39 8.75
C THR B 96 -9.33 9.63 9.02
N GLY B 97 -9.65 9.81 10.29
CA GLY B 97 -10.37 11.01 10.75
C GLY B 97 -11.71 11.06 10.07
N ALA B 98 -12.00 12.19 9.45
CA ALA B 98 -13.33 12.42 8.85
C ALA B 98 -13.52 11.45 7.66
N ALA B 99 -12.44 11.08 6.98
CA ALA B 99 -12.48 10.19 5.80
C ALA B 99 -12.96 8.80 6.26
N PHE B 100 -12.59 8.37 7.47
CA PHE B 100 -13.07 7.07 8.01
C PHE B 100 -14.58 7.13 8.26
N ASP B 101 -15.03 8.20 8.90
CA ASP B 101 -16.45 8.27 9.34
C ASP B 101 -17.41 8.43 8.14
N ALA B 102 -16.94 9.02 7.05
CA ALA B 102 -17.76 9.30 5.85
C ALA B 102 -18.00 8.04 5.04
N VAL B 103 -17.09 7.05 5.13
CA VAL B 103 -17.26 5.79 4.36
C VAL B 103 -18.18 4.87 5.14
N LYS B 104 -19.39 4.71 4.64
CA LYS B 104 -20.48 3.99 5.33
C LYS B 104 -20.37 2.48 5.09
N GLY B 105 -19.73 2.09 4.00
CA GLY B 105 -19.69 0.68 3.60
C GLY B 105 -18.62 0.44 2.55
N VAL B 106 -18.12 -0.79 2.56
CA VAL B 106 -17.06 -1.26 1.62
C VAL B 106 -17.50 -2.61 1.10
N ILE B 107 -17.65 -2.72 -0.22
CA ILE B 107 -18.10 -3.99 -0.84
C ILE B 107 -16.93 -4.50 -1.72
N LEU B 108 -16.43 -5.68 -1.42
CA LEU B 108 -15.27 -6.27 -2.12
C LEU B 108 -15.69 -7.56 -2.75
N ILE B 109 -15.27 -7.77 -3.98
CA ILE B 109 -15.56 -9.05 -4.70
C ILE B 109 -14.27 -9.51 -5.35
N GLY B 110 -13.97 -10.80 -5.25
CA GLY B 110 -12.79 -11.39 -5.93
C GLY B 110 -11.51 -10.79 -5.39
N ASN B 111 -11.43 -10.55 -4.09
CA ASN B 111 -10.37 -9.78 -3.43
C ASN B 111 -9.05 -10.57 -3.33
N PRO B 112 -7.97 -10.10 -3.98
CA PRO B 112 -6.65 -10.73 -3.85
C PRO B 112 -6.18 -10.74 -2.39
N GLU B 113 -6.64 -9.78 -1.57
CA GLU B 113 -6.21 -9.61 -0.15
C GLU B 113 -7.18 -10.32 0.79
N HIS B 114 -8.04 -11.17 0.26
CA HIS B 114 -9.01 -11.89 1.10
C HIS B 114 -8.25 -12.50 2.29
N LYS B 115 -8.75 -12.30 3.49
CA LYS B 115 -8.04 -12.70 4.74
C LYS B 115 -8.89 -13.72 5.45
N PRO B 116 -8.31 -14.83 5.95
CA PRO B 116 -9.10 -15.82 6.70
C PRO B 116 -9.89 -15.25 7.88
N ASN B 117 -11.14 -15.64 7.97
CA ASN B 117 -11.99 -15.63 9.20
C ASN B 117 -12.47 -14.24 9.58
N LEU B 118 -12.31 -13.23 8.71
CA LEU B 118 -12.92 -11.89 8.98
C LEU B 118 -14.45 -11.98 8.94
N ALA B 119 -15.11 -11.30 9.86
CA ALA B 119 -16.58 -11.34 10.02
C ALA B 119 -17.22 -10.78 8.74
N CYS B 120 -16.48 -10.09 7.90
CA CYS B 120 -17.01 -9.51 6.65
C CYS B 120 -17.05 -10.55 5.53
N ASN B 121 -16.42 -11.70 5.73
CA ASN B 121 -16.30 -12.72 4.64
C ASN B 121 -17.60 -13.48 4.42
N VAL B 122 -18.08 -13.52 3.18
CA VAL B 122 -19.21 -14.41 2.80
C VAL B 122 -18.84 -15.03 1.46
N ASP B 123 -19.49 -16.13 1.12
CA ASP B 123 -19.32 -16.74 -0.22
C ASP B 123 -20.44 -16.22 -1.14
N GLY B 124 -20.56 -16.75 -2.34
CA GLY B 124 -21.53 -16.19 -3.31
C GLY B 124 -22.97 -16.38 -2.86
N ASN B 125 -23.17 -17.28 -1.89
CA ASN B 125 -24.51 -17.64 -1.38
C ASN B 125 -24.75 -17.01 0.00
N GLY B 126 -23.86 -16.14 0.51
CA GLY B 126 -23.88 -15.60 1.88
C GLY B 126 -23.46 -16.63 2.93
N GLY B 127 -22.91 -17.79 2.50
CA GLY B 127 -22.47 -18.87 3.41
C GLY B 127 -20.99 -18.79 3.74
N LYS B 128 -20.43 -19.87 4.26
CA LYS B 128 -19.07 -19.91 4.84
C LYS B 128 -18.05 -20.77 4.05
N THR B 129 -18.32 -21.10 2.77
CA THR B 129 -17.42 -22.02 2.03
C THR B 129 -16.08 -21.37 1.70
N THR B 130 -15.96 -20.04 1.81
CA THR B 130 -14.70 -19.33 1.57
C THR B 130 -14.33 -18.51 2.80
N PHE B 131 -14.94 -18.80 3.95
CA PHE B 131 -14.74 -17.96 5.15
C PHE B 131 -13.28 -17.94 5.59
N SER B 132 -12.59 -19.08 5.54
CA SER B 132 -11.18 -19.17 6.02
C SER B 132 -10.19 -19.09 4.84
N ALA B 133 -10.66 -18.64 3.66
CA ALA B 133 -9.85 -18.58 2.43
C ALA B 133 -8.78 -17.49 2.50
N ARG B 134 -7.64 -17.75 1.88
CA ARG B 134 -6.54 -16.78 1.66
C ARG B 134 -6.61 -16.36 0.19
N GLY B 135 -6.57 -15.07 -0.08
CA GLY B 135 -6.40 -14.63 -1.47
C GLY B 135 -4.97 -14.81 -1.93
N ILE B 136 -4.79 -14.67 -3.22
CA ILE B 136 -3.51 -14.88 -3.90
C ILE B 136 -2.48 -13.87 -3.39
N SER B 137 -2.87 -12.73 -2.84
CA SER B 137 -1.91 -11.73 -2.32
C SER B 137 -1.92 -11.69 -0.79
N ALA B 138 -2.60 -12.61 -0.10
CA ALA B 138 -2.90 -12.44 1.34
C ALA B 138 -1.59 -12.50 2.15
N ALA B 139 -0.59 -13.24 1.68
CA ALA B 139 0.61 -13.51 2.49
C ALA B 139 1.39 -12.21 2.71
N PHE B 140 1.21 -11.21 1.85
CA PHE B 140 2.08 -10.00 1.86
C PHE B 140 1.24 -8.73 1.93
N THR B 141 -0.03 -8.83 2.28
CA THR B 141 -0.92 -7.64 2.42
C THR B 141 -1.70 -7.70 3.73
N GLN B 142 -2.26 -6.57 4.15
CA GLN B 142 -3.05 -6.48 5.41
C GLN B 142 -4.50 -6.82 5.13
N GLY B 143 -5.01 -6.59 3.92
CA GLY B 143 -6.45 -6.73 3.68
C GLY B 143 -7.28 -5.75 4.50
N VAL B 144 -8.49 -6.15 4.91
CA VAL B 144 -9.45 -5.24 5.58
C VAL B 144 -8.98 -5.05 7.02
N PRO B 145 -8.57 -3.84 7.46
CA PRO B 145 -8.13 -3.64 8.84
C PRO B 145 -9.27 -3.84 9.83
N SER B 146 -8.91 -4.10 11.09
CA SER B 146 -9.89 -4.47 12.14
C SER B 146 -11.00 -3.41 12.28
N ASN B 147 -10.63 -2.13 12.21
CA ASN B 147 -11.58 -1.02 12.43
C ASN B 147 -12.54 -0.88 11.23
N TRP B 148 -12.30 -1.60 10.13
CA TRP B 148 -13.16 -1.51 8.91
C TRP B 148 -14.10 -2.71 8.82
N VAL B 149 -13.85 -3.77 9.57
CA VAL B 149 -14.52 -5.07 9.26
C VAL B 149 -16.03 -4.92 9.41
N SER B 150 -16.52 -4.15 10.40
CA SER B 150 -17.96 -4.14 10.73
C SER B 150 -18.74 -3.38 9.63
N LYS B 151 -18.06 -2.66 8.75
CA LYS B 151 -18.76 -1.99 7.61
C LYS B 151 -18.18 -2.45 6.27
N THR B 152 -17.71 -3.68 6.24
CA THR B 152 -17.21 -4.29 4.99
C THR B 152 -18.03 -5.54 4.69
N LEU B 153 -18.19 -5.81 3.40
CA LEU B 153 -18.67 -7.13 2.91
C LEU B 153 -17.64 -7.60 1.89
N ASP B 154 -17.00 -8.76 2.15
CA ASP B 154 -15.97 -9.33 1.27
C ASP B 154 -16.53 -10.65 0.76
N ILE B 155 -16.91 -10.65 -0.51
CA ILE B 155 -17.64 -11.75 -1.18
C ILE B 155 -16.61 -12.50 -2.01
N CYS B 156 -16.44 -13.79 -1.74
CA CYS B 156 -15.48 -14.66 -2.45
C CYS B 156 -16.23 -15.92 -2.90
N ILE B 157 -16.47 -16.03 -4.21
CA ILE B 157 -17.17 -17.21 -4.78
C ILE B 157 -16.22 -18.40 -4.70
N TYR B 158 -16.69 -19.54 -4.22
CA TYR B 158 -15.87 -20.75 -4.13
C TYR B 158 -15.38 -21.11 -5.54
N GLY B 159 -14.07 -21.32 -5.65
CA GLY B 159 -13.46 -21.67 -6.94
C GLY B 159 -12.81 -20.48 -7.57
N ASP B 160 -13.03 -19.28 -7.03
CA ASP B 160 -12.27 -18.06 -7.43
C ASP B 160 -10.85 -18.16 -6.84
N GLY B 161 -9.85 -18.41 -7.69
CA GLY B 161 -8.45 -18.60 -7.26
C GLY B 161 -7.79 -17.31 -6.82
N VAL B 162 -8.42 -16.17 -7.09
CA VAL B 162 -7.88 -14.86 -6.70
C VAL B 162 -8.15 -14.62 -5.23
N CYS B 163 -9.32 -14.99 -4.72
CA CYS B 163 -9.69 -14.73 -3.30
C CYS B 163 -9.59 -16.01 -2.47
N ASP B 164 -9.50 -17.18 -3.11
CA ASP B 164 -9.41 -18.47 -2.37
C ASP B 164 -8.41 -19.42 -3.08
N VAL B 165 -7.15 -19.38 -2.67
CA VAL B 165 -6.09 -20.11 -3.41
C VAL B 165 -6.30 -21.61 -3.21
N SER B 166 -7.03 -22.02 -2.18
CA SER B 166 -7.32 -23.46 -1.94
C SER B 166 -8.32 -23.95 -2.99
N SER B 167 -9.11 -23.07 -3.63
CA SER B 167 -10.27 -23.56 -4.43
C SER B 167 -9.96 -23.45 -5.93
N GLY B 168 -8.79 -22.95 -6.30
CA GLY B 168 -8.49 -22.72 -7.72
C GLY B 168 -7.20 -21.96 -7.90
N PHE B 169 -6.71 -22.00 -9.14
CA PHE B 169 -5.46 -21.30 -9.55
C PHE B 169 -5.80 -19.99 -10.30
N GLY B 170 -5.46 -18.84 -9.71
CA GLY B 170 -5.52 -17.52 -10.34
C GLY B 170 -6.88 -17.21 -10.91
N ILE B 171 -6.91 -16.65 -12.13
CA ILE B 171 -8.13 -16.10 -12.77
C ILE B 171 -8.94 -17.28 -13.34
N THR B 172 -9.60 -18.01 -12.46
CA THR B 172 -10.55 -19.06 -12.82
C THR B 172 -11.84 -18.49 -13.39
N PRO B 173 -12.67 -19.31 -14.06
CA PRO B 173 -13.93 -18.83 -14.60
C PRO B 173 -14.80 -18.15 -13.54
N GLN B 174 -14.79 -18.73 -12.35
CA GLN B 174 -15.62 -18.23 -11.23
C GLN B 174 -15.25 -16.77 -10.95
N HIS B 175 -13.99 -16.37 -11.06
CA HIS B 175 -13.56 -14.98 -10.72
C HIS B 175 -14.28 -13.94 -11.58
N LEU B 176 -14.83 -14.36 -12.71
CA LEU B 176 -15.40 -13.46 -13.73
C LEU B 176 -16.94 -13.43 -13.64
N THR B 177 -17.52 -14.11 -12.66
CA THR B 177 -18.98 -14.39 -12.64
C THR B 177 -19.75 -13.45 -11.70
N TYR B 178 -19.10 -12.59 -10.92
CA TYR B 178 -19.75 -11.83 -9.83
C TYR B 178 -20.89 -10.94 -10.37
N GLY B 179 -20.67 -10.30 -11.50
CA GLY B 179 -21.60 -9.28 -12.02
C GLY B 179 -22.98 -9.87 -12.31
N TYR B 180 -23.05 -11.15 -12.71
CA TYR B 180 -24.32 -11.79 -13.14
C TYR B 180 -24.77 -12.82 -12.13
N ASN B 181 -24.13 -12.87 -10.96
CA ASN B 181 -24.57 -13.73 -9.84
C ASN B 181 -25.69 -13.01 -9.08
N THR B 182 -26.92 -13.51 -9.22
CA THR B 182 -28.13 -12.89 -8.62
C THR B 182 -27.90 -12.72 -7.12
N ASN B 183 -27.40 -13.76 -6.45
CA ASN B 183 -27.27 -13.69 -4.98
C ASN B 183 -26.24 -12.60 -4.61
N VAL B 184 -25.11 -12.59 -5.28
CA VAL B 184 -24.07 -11.55 -5.04
C VAL B 184 -24.69 -10.14 -5.17
N GLN B 185 -25.41 -9.88 -6.24
CA GLN B 185 -25.89 -8.52 -6.55
C GLN B 185 -26.94 -8.16 -5.50
N THR B 186 -27.80 -9.07 -5.11
CA THR B 186 -28.82 -8.78 -4.07
C THR B 186 -28.14 -8.52 -2.73
N MET B 187 -27.14 -9.35 -2.35
CA MET B 187 -26.47 -9.15 -1.05
C MET B 187 -25.80 -7.76 -1.09
N GLY B 188 -25.11 -7.42 -2.18
CA GLY B 188 -24.37 -6.15 -2.22
C GLY B 188 -25.35 -5.00 -2.16
N ALA B 189 -26.48 -5.08 -2.85
CA ALA B 189 -27.49 -4.02 -2.83
C ALA B 189 -28.03 -3.89 -1.42
N ASN B 190 -28.40 -5.00 -0.80
CA ASN B 190 -28.98 -4.95 0.57
C ASN B 190 -27.95 -4.23 1.48
N PHE B 191 -26.69 -4.59 1.35
CA PHE B 191 -25.62 -4.06 2.21
C PHE B 191 -25.45 -2.56 1.94
N GLY B 192 -25.38 -2.19 0.67
CA GLY B 192 -25.11 -0.79 0.29
C GLY B 192 -26.24 0.11 0.74
N ILE B 193 -27.47 -0.32 0.53
CA ILE B 193 -28.63 0.49 0.99
C ILE B 193 -28.61 0.63 2.51
N LYS B 194 -28.42 -0.44 3.25
CA LYS B 194 -28.40 -0.36 4.72
C LYS B 194 -27.27 0.58 5.15
N ALA B 195 -26.10 0.47 4.53
CA ALA B 195 -24.94 1.33 4.91
C ALA B 195 -25.32 2.82 4.78
N LEU B 196 -25.94 3.17 3.68
CA LEU B 196 -26.22 4.60 3.39
C LEU B 196 -27.38 5.13 4.23
N GLN B 197 -28.35 4.29 4.52
CA GLN B 197 -29.60 4.67 5.24
C GLN B 197 -29.40 4.65 6.76
N GLY B 198 -28.41 3.91 7.24
CA GLY B 198 -28.22 3.71 8.70
C GLY B 198 -27.63 4.94 9.38
AS CAD C . 5.66 -16.12 2.66
C1 CAD C . 3.91 -17.08 2.67
C2 CAD C . 6.55 -16.16 4.46
O1 CAD C . 5.34 -14.21 2.14
O2 CAD C . 6.71 -17.05 1.56
NA NA D . 12.92 12.25 -11.37
AS CAD E . -7.13 -9.58 -11.16
C1 CAD E . -5.78 -10.10 -12.44
C2 CAD E . -6.46 -9.94 -9.42
O1 CAD E . -7.63 -7.86 -11.45
O2 CAD E . -8.48 -10.68 -11.45
#